data_1NP9
#
_entry.id   1NP9
#
_entity_poly.entity_id   1
_entity_poly.type   'polydeoxyribonucleotide'
_entity_poly.pdbx_seq_one_letter_code
;(DT)(DT)(DA)(DG)(DG)(DG)(DT)
;
_entity_poly.pdbx_strand_id   A,B,C,D
#